data_5T2T
#
_entry.id   5T2T
#
_cell.length_a   108.116
_cell.length_b   108.116
_cell.length_c   54.087
_cell.angle_alpha   90.00
_cell.angle_beta   90.00
_cell.angle_gamma   90.00
#
_symmetry.space_group_name_H-M   'P 41'
#
loop_
_entity.id
_entity.type
_entity.pdbx_description
1 polymer 'RNA-directed RNA polymerase L'
2 non-polymer 'MANGANESE (II) ION'
3 non-polymer '(2Z)-4-[1-benzyl-4-(4-chlorobenzyl)piperidin-4-yl]-2-hydroxy-4-oxobut-2-enoic acid'
4 non-polymer GLYCEROL
5 non-polymer 'CHLORIDE ION'
6 non-polymer 'SODIUM ION'
7 water water
#
_entity_poly.entity_id   1
_entity_poly.type   'polypeptide(L)'
_entity_poly.pdbx_seq_one_letter_code
;MKHHHHHHDEIISELRELCLNYIEQDERLSRQKLNFLGQREPRMVLIEGLKLLSRCIEIDSADKSGCTHNHDDKSVETIL
VESGIVCPGLPLIIPDGYKLIDNSLILLECFVRSTPASFEKKFIEDTNKLACIREDLAVAGVTLVPIVDGRCDYDNSFMP
EWANFKFRDLLFKLLEYSNQDEKVFEESEYFRLCESLKTTIDKR
;
_entity_poly.pdbx_strand_id   A,B
#
loop_
_chem_comp.id
_chem_comp.type
_chem_comp.name
_chem_comp.formula
0N8 non-polymer '(2Z)-4-[1-benzyl-4-(4-chlorobenzyl)piperidin-4-yl]-2-hydroxy-4-oxobut-2-enoic acid' 'C23 H24 Cl N O4'
CL non-polymer 'CHLORIDE ION' 'Cl -1'
GOL non-polymer GLYCEROL 'C3 H8 O3'
MN non-polymer 'MANGANESE (II) ION' 'Mn 2'
NA non-polymer 'SODIUM ION' 'Na 1'
#
# COMPACT_ATOMS: atom_id res chain seq x y z
N HIS A 8 -26.53 5.36 -5.79
CA HIS A 8 -25.74 4.96 -4.62
C HIS A 8 -24.63 4.02 -5.01
N ASP A 9 -25.00 2.88 -5.60
CA ASP A 9 -24.03 1.99 -6.20
C ASP A 9 -23.24 2.75 -7.25
N GLU A 10 -23.94 3.56 -8.03
CA GLU A 10 -23.31 4.30 -9.10
C GLU A 10 -22.31 5.29 -8.52
N ILE A 11 -22.70 5.92 -7.42
CA ILE A 11 -21.87 6.88 -6.69
C ILE A 11 -20.61 6.21 -6.16
N ILE A 12 -20.78 5.08 -5.47
CA ILE A 12 -19.64 4.37 -4.92
C ILE A 12 -18.75 3.85 -6.04
N SER A 13 -19.37 3.43 -7.13
CA SER A 13 -18.62 2.94 -8.26
C SER A 13 -17.81 4.06 -8.92
N GLU A 14 -18.41 5.25 -9.00
CA GLU A 14 -17.70 6.40 -9.56
C GLU A 14 -16.53 6.81 -8.68
N LEU A 15 -16.75 6.82 -7.36
CA LEU A 15 -15.69 7.09 -6.40
C LEU A 15 -14.51 6.11 -6.51
N ARG A 16 -14.82 4.83 -6.72
CA ARG A 16 -13.75 3.84 -6.80
C ARG A 16 -12.92 4.03 -8.06
N GLU A 17 -13.57 4.42 -9.16
CA GLU A 17 -12.83 4.64 -10.40
CA GLU A 17 -12.87 4.68 -10.42
C GLU A 17 -11.92 5.86 -10.27
N LEU A 18 -12.39 6.92 -9.62
CA LEU A 18 -11.53 8.08 -9.34
C LEU A 18 -10.32 7.67 -8.51
N CYS A 19 -10.57 6.93 -7.43
CA CYS A 19 -9.52 6.50 -6.52
C CYS A 19 -8.44 5.73 -7.27
N LEU A 20 -8.89 4.86 -8.19
CA LEU A 20 -7.98 4.00 -8.91
C LEU A 20 -7.29 4.70 -10.08
N ASN A 21 -8.01 5.58 -10.77
CA ASN A 21 -7.43 6.13 -11.97
C ASN A 21 -6.95 7.58 -11.91
N TYR A 22 -7.36 8.33 -10.89
CA TYR A 22 -7.01 9.75 -10.86
C TYR A 22 -6.42 10.23 -9.54
N ILE A 23 -5.88 9.30 -8.78
CA ILE A 23 -5.03 9.65 -7.66
C ILE A 23 -3.67 9.00 -7.89
N GLU A 24 -2.63 9.83 -8.07
CA GLU A 24 -1.28 9.36 -8.36
C GLU A 24 -0.87 8.24 -7.43
N GLN A 25 -0.08 7.31 -7.96
CA GLN A 25 0.29 6.12 -7.22
C GLN A 25 1.55 6.31 -6.39
N ASP A 26 1.51 7.30 -5.51
CA ASP A 26 2.46 7.39 -4.40
C ASP A 26 2.18 6.26 -3.45
N GLU A 27 3.19 5.45 -3.13
CA GLU A 27 2.95 4.25 -2.32
C GLU A 27 2.51 4.56 -0.89
N ARG A 28 2.78 5.76 -0.39
CA ARG A 28 2.33 6.10 0.95
C ARG A 28 0.81 6.18 1.04
N LEU A 29 0.14 6.31 -0.11
CA LEU A 29 -1.32 6.42 -0.15
C LEU A 29 -2.00 5.04 -0.28
N SER A 30 -1.21 4.02 -0.58
CA SER A 30 -1.72 2.71 -0.98
C SER A 30 -2.64 2.10 0.07
N ARG A 31 -2.22 2.15 1.33
CA ARG A 31 -3.04 1.56 2.38
C ARG A 31 -4.42 2.21 2.52
N GLN A 32 -4.45 3.54 2.55
CA GLN A 32 -5.73 4.23 2.72
C GLN A 32 -6.62 4.08 1.49
N LYS A 33 -6.00 3.98 0.31
CA LYS A 33 -6.78 3.68 -0.89
C LYS A 33 -7.49 2.33 -0.75
N LEU A 34 -6.74 1.33 -0.29
CA LEU A 34 -7.29 0.00 -0.07
C LEU A 34 -8.37 0.03 1.00
N ASN A 35 -8.14 0.77 2.10
CA ASN A 35 -9.19 0.96 3.09
C ASN A 35 -10.45 1.58 2.49
N PHE A 36 -10.26 2.55 1.59
CA PHE A 36 -11.40 3.21 0.99
C PHE A 36 -12.16 2.24 0.09
N LEU A 37 -11.42 1.49 -0.71
CA LEU A 37 -12.00 0.60 -1.73
C LEU A 37 -12.80 -0.57 -1.16
N GLY A 38 -12.49 -0.96 0.07
CA GLY A 38 -13.20 -2.04 0.73
C GLY A 38 -14.46 -1.62 1.46
N GLN A 39 -14.83 -0.35 1.38
CA GLN A 39 -16.05 0.08 2.09
C GLN A 39 -17.27 -0.02 1.17
N ARG A 40 -18.36 -0.57 1.70
CA ARG A 40 -19.61 -0.69 0.96
C ARG A 40 -20.66 0.23 1.58
N GLU A 41 -20.56 0.39 2.90
CA GLU A 41 -21.51 1.18 3.67
C GLU A 41 -21.25 2.68 3.53
N PRO A 42 -22.28 3.43 3.10
CA PRO A 42 -22.25 4.87 2.87
C PRO A 42 -21.50 5.68 3.92
N ARG A 43 -21.83 5.50 5.19
CA ARG A 43 -21.19 6.25 6.25
C ARG A 43 -19.68 6.00 6.28
N MET A 44 -19.29 4.75 6.02
CA MET A 44 -17.87 4.37 6.01
C MET A 44 -17.15 4.84 4.75
N VAL A 45 -17.85 4.83 3.61
CA VAL A 45 -17.30 5.36 2.38
C VAL A 45 -16.93 6.83 2.60
N LEU A 46 -17.84 7.58 3.21
CA LEU A 46 -17.63 8.99 3.47
C LEU A 46 -16.43 9.24 4.40
N ILE A 47 -16.39 8.55 5.52
CA ILE A 47 -15.28 8.71 6.46
C ILE A 47 -13.94 8.31 5.84
N GLU A 48 -13.87 7.16 5.18
CA GLU A 48 -12.61 6.74 4.57
C GLU A 48 -12.25 7.62 3.36
N GLY A 49 -13.25 8.22 2.73
CA GLY A 49 -12.99 9.13 1.61
C GLY A 49 -12.36 10.42 2.10
N LEU A 50 -12.88 10.93 3.21
CA LEU A 50 -12.32 12.12 3.83
C LEU A 50 -10.93 11.83 4.39
N LYS A 51 -10.72 10.64 4.92
CA LYS A 51 -9.38 10.27 5.38
C LYS A 51 -8.42 10.17 4.19
N LEU A 52 -8.90 9.71 3.04
CA LEU A 52 -8.05 9.60 1.87
C LEU A 52 -7.63 10.99 1.40
N LEU A 53 -8.57 11.93 1.36
CA LEU A 53 -8.20 13.30 1.02
C LEU A 53 -7.25 13.90 2.07
N SER A 54 -7.47 13.56 3.33
CA SER A 54 -6.62 14.09 4.40
CA SER A 54 -6.64 14.09 4.39
C SER A 54 -5.20 13.57 4.26
N ARG A 55 -5.06 12.29 3.90
CA ARG A 55 -3.73 11.72 3.69
C ARG A 55 -2.99 12.41 2.55
N CYS A 56 -3.68 12.77 1.48
CA CYS A 56 -3.04 13.53 0.40
C CYS A 56 -2.45 14.84 0.92
N ILE A 57 -3.26 15.60 1.65
CA ILE A 57 -2.84 16.88 2.22
C ILE A 57 -1.69 16.69 3.20
N GLU A 58 -1.79 15.67 4.05
CA GLU A 58 -0.75 15.43 5.05
C GLU A 58 0.60 15.10 4.39
N ILE A 59 0.57 14.29 3.35
CA ILE A 59 1.80 13.89 2.69
C ILE A 59 2.45 15.07 1.98
N ASP A 60 1.66 15.88 1.28
CA ASP A 60 2.16 17.12 0.69
C ASP A 60 2.81 18.02 1.76
N SER A 61 2.11 18.16 2.88
CA SER A 61 2.62 18.95 4.00
C SER A 61 3.95 18.40 4.56
N ALA A 62 4.00 17.09 4.76
CA ALA A 62 5.23 16.46 5.22
C ALA A 62 6.36 16.70 4.22
N ASP A 63 6.08 16.48 2.93
CA ASP A 63 7.11 16.64 1.91
C ASP A 63 7.60 18.08 1.84
N LYS A 64 6.75 19.02 2.21
CA LYS A 64 7.11 20.45 2.17
C LYS A 64 7.79 20.93 3.46
N SER A 65 7.78 20.09 4.49
CA SER A 65 8.29 20.45 5.80
C SER A 65 9.51 19.63 6.18
N GLY A 66 10.05 18.92 5.19
CA GLY A 66 11.19 18.05 5.42
C GLY A 66 10.93 16.98 6.47
N CYS A 67 9.70 16.48 6.55
CA CYS A 67 9.31 15.47 7.54
C CYS A 67 8.95 14.14 6.91
N THR A 68 8.93 13.10 7.75
CA THR A 68 8.43 11.79 7.36
C THR A 68 6.93 11.73 7.63
N HIS A 69 6.14 11.37 6.63
CA HIS A 69 4.70 11.29 6.90
C HIS A 69 4.37 10.11 7.81
N ASN A 70 3.51 10.32 8.79
CA ASN A 70 3.21 9.29 9.78
C ASN A 70 2.19 8.27 9.26
N HIS A 71 2.56 7.62 8.15
CA HIS A 71 1.78 6.58 7.48
C HIS A 71 1.13 5.53 8.40
N ASP A 72 1.86 5.10 9.43
CA ASP A 72 1.43 3.98 10.28
C ASP A 72 0.87 4.42 11.62
N ASP A 73 0.62 5.72 11.75
CA ASP A 73 0.03 6.24 12.97
C ASP A 73 0.87 5.94 14.21
N LYS A 74 2.20 6.04 14.09
CA LYS A 74 3.06 5.93 15.27
C LYS A 74 2.77 7.02 16.31
N SER A 75 2.95 6.70 17.59
CA SER A 75 2.88 7.71 18.65
C SER A 75 4.21 8.42 18.74
N VAL A 76 4.23 9.55 19.45
CA VAL A 76 5.49 10.24 19.70
C VAL A 76 6.41 9.30 20.50
N GLU A 77 5.85 8.63 21.50
CA GLU A 77 6.61 7.68 22.31
C GLU A 77 7.29 6.63 21.44
N THR A 78 6.54 6.09 20.47
CA THR A 78 7.08 5.08 19.57
C THR A 78 8.19 5.63 18.68
N ILE A 79 7.96 6.81 18.12
CA ILE A 79 8.93 7.43 17.23
C ILE A 79 10.30 7.60 17.93
N LEU A 80 10.26 7.97 19.20
CA LEU A 80 11.48 8.19 19.98
C LEU A 80 12.20 6.87 20.23
N VAL A 81 11.47 5.89 20.75
CA VAL A 81 12.03 4.55 21.00
C VAL A 81 12.80 4.00 19.79
N GLU A 82 12.19 4.14 18.61
CA GLU A 82 12.81 3.67 17.38
C GLU A 82 14.13 4.37 17.09
N SER A 83 14.35 5.51 17.73
CA SER A 83 15.62 6.20 17.61
C SER A 83 16.45 6.02 18.87
N GLY A 84 15.96 5.18 19.78
CA GLY A 84 16.70 4.81 20.96
C GLY A 84 16.52 5.76 22.13
N ILE A 85 15.49 6.59 22.06
CA ILE A 85 15.23 7.55 23.12
C ILE A 85 14.06 7.14 23.98
N VAL A 86 14.28 7.09 25.30
CA VAL A 86 13.24 6.70 26.23
C VAL A 86 12.64 7.92 26.92
N CYS A 87 11.34 8.10 26.76
CA CYS A 87 10.67 9.23 27.38
C CYS A 87 9.33 8.76 27.94
N PRO A 88 9.33 8.30 29.19
CA PRO A 88 8.15 7.72 29.86
C PRO A 88 7.15 8.77 30.31
N GLY A 89 5.87 8.41 30.31
CA GLY A 89 4.83 9.28 30.81
C GLY A 89 4.18 10.17 29.77
N LEU A 90 4.78 10.21 28.58
CA LEU A 90 4.25 11.03 27.48
C LEU A 90 2.81 10.71 27.19
N PRO A 91 1.96 11.74 27.08
CA PRO A 91 0.56 11.52 26.72
C PRO A 91 0.49 10.96 25.30
N LEU A 92 -0.63 10.36 24.94
CA LEU A 92 -0.73 9.69 23.65
C LEU A 92 -1.02 10.71 22.55
N ILE A 93 -0.03 10.94 21.70
CA ILE A 93 -0.17 11.89 20.60
C ILE A 93 0.31 11.25 19.30
N ILE A 94 -0.50 11.34 18.25
CA ILE A 94 -0.13 10.78 16.96
CA ILE A 94 -0.16 10.79 16.94
C ILE A 94 -0.08 11.91 15.90
N PRO A 95 1.13 12.38 15.57
CA PRO A 95 1.36 13.51 14.67
C PRO A 95 1.14 13.18 13.20
N ASP A 96 0.81 14.18 12.37
N ASP A 96 0.96 12.58 12.02
CA ASP A 96 0.58 13.93 10.95
CA ASP A 96 0.80 13.33 10.79
C ASP A 96 2.00 13.66 10.35
C ASP A 96 2.15 13.66 10.17
N GLY A 97 3.05 14.22 10.97
CA GLY A 97 4.41 14.02 10.47
C GLY A 97 5.52 14.14 11.52
N TYR A 98 6.73 13.66 11.21
CA TYR A 98 7.83 13.73 12.19
C TYR A 98 9.23 13.63 11.58
N LYS A 99 10.21 14.11 12.32
CA LYS A 99 11.61 13.88 11.96
C LYS A 99 12.55 14.20 13.11
N LEU A 100 13.38 13.22 13.49
CA LEU A 100 14.40 13.43 14.51
C LEU A 100 15.72 13.75 13.85
N ILE A 101 16.24 14.94 14.12
CA ILE A 101 17.55 15.35 13.64
C ILE A 101 18.37 15.85 14.82
N ASP A 102 19.56 15.30 15.00
CA ASP A 102 20.37 15.63 16.16
C ASP A 102 19.51 15.32 17.38
N ASN A 103 19.35 16.28 18.29
CA ASN A 103 18.45 16.08 19.41
C ASN A 103 17.15 16.89 19.27
N SER A 104 16.79 17.24 18.03
CA SER A 104 15.56 18.00 17.76
C SER A 104 14.53 17.10 17.10
N LEU A 105 13.34 17.02 17.70
CA LEU A 105 12.24 16.25 17.12
C LEU A 105 11.23 17.19 16.44
N ILE A 106 11.25 17.23 15.12
CA ILE A 106 10.21 17.92 14.37
C ILE A 106 8.91 17.13 14.40
N LEU A 107 7.86 17.74 14.90
CA LEU A 107 6.52 17.16 14.87
C LEU A 107 5.60 18.06 14.07
N LEU A 108 4.80 17.45 13.19
CA LEU A 108 3.96 18.21 12.27
C LEU A 108 2.49 17.84 12.44
N GLU A 109 1.64 18.86 12.51
CA GLU A 109 0.18 18.69 12.47
C GLU A 109 -0.36 19.46 11.28
N CYS A 110 -1.18 18.78 10.46
CA CYS A 110 -1.79 19.32 9.26
CA CYS A 110 -1.78 19.35 9.27
C CYS A 110 -3.30 19.35 9.42
N PHE A 111 -3.97 20.34 8.83
CA PHE A 111 -5.43 20.33 8.88
C PHE A 111 -6.06 21.08 7.72
N VAL A 112 -7.36 20.84 7.52
CA VAL A 112 -8.14 21.57 6.52
C VAL A 112 -9.33 22.19 7.20
N ARG A 113 -9.53 23.49 7.00
CA ARG A 113 -10.68 24.23 7.52
C ARG A 113 -11.11 25.22 6.45
N SER A 114 -12.42 25.43 6.32
CA SER A 114 -12.94 26.19 5.18
C SER A 114 -13.57 27.51 5.56
N THR A 115 -13.49 27.88 6.83
CA THR A 115 -13.80 29.26 7.22
C THR A 115 -12.70 29.83 8.10
N PRO A 116 -12.50 31.15 8.05
CA PRO A 116 -11.47 31.80 8.88
C PRO A 116 -11.70 31.50 10.36
N ALA A 117 -12.95 31.59 10.81
CA ALA A 117 -13.26 31.26 12.21
C ALA A 117 -12.84 29.85 12.58
N SER A 118 -13.21 28.86 11.76
CA SER A 118 -12.84 27.48 12.09
C SER A 118 -11.34 27.26 11.88
N PHE A 119 -10.77 27.96 10.91
CA PHE A 119 -9.32 27.88 10.67
C PHE A 119 -8.52 28.29 11.90
N GLU A 120 -8.84 29.45 12.47
CA GLU A 120 -8.10 29.94 13.63
C GLU A 120 -8.24 29.05 14.85
N LYS A 121 -9.46 28.60 15.10
CA LYS A 121 -9.76 27.74 16.25
C LYS A 121 -8.95 26.44 16.17
N LYS A 122 -8.93 25.80 15.00
CA LYS A 122 -8.17 24.57 14.81
C LYS A 122 -6.67 24.84 14.88
N PHE A 123 -6.23 25.99 14.35
CA PHE A 123 -4.79 26.29 14.40
C PHE A 123 -4.32 26.34 15.84
N ILE A 124 -5.07 27.01 16.69
CA ILE A 124 -4.70 27.12 18.09
C ILE A 124 -4.76 25.75 18.79
N GLU A 125 -5.80 24.97 18.47
CA GLU A 125 -5.93 23.63 19.02
C GLU A 125 -4.74 22.72 18.74
N ASP A 126 -4.33 22.60 17.47
CA ASP A 126 -3.18 21.76 17.17
C ASP A 126 -1.90 22.32 17.77
N THR A 127 -1.79 23.65 17.80
CA THR A 127 -0.62 24.29 18.40
C THR A 127 -0.52 23.87 19.87
N ASN A 128 -1.64 23.99 20.60
CA ASN A 128 -1.65 23.60 22.00
C ASN A 128 -1.38 22.11 22.19
N LYS A 129 -1.92 21.30 21.29
CA LYS A 129 -1.74 19.87 21.32
C LYS A 129 -0.26 19.51 21.38
N LEU A 130 0.54 20.09 20.49
CA LEU A 130 1.96 19.76 20.50
C LEU A 130 2.69 20.43 21.67
N ALA A 131 2.25 21.62 22.07
CA ALA A 131 2.98 22.38 23.08
C ALA A 131 2.98 21.66 24.43
N CYS A 132 1.97 20.83 24.66
CA CYS A 132 1.78 20.25 25.98
C CYS A 132 2.81 19.16 26.29
N ILE A 133 3.62 18.75 25.31
CA ILE A 133 4.70 17.81 25.60
C ILE A 133 6.11 18.41 25.41
N ARG A 134 6.21 19.73 25.30
CA ARG A 134 7.51 20.38 25.12
CA ARG A 134 7.52 20.37 25.12
C ARG A 134 8.43 20.09 26.31
N GLU A 135 7.93 20.32 27.52
CA GLU A 135 8.72 20.13 28.73
C GLU A 135 9.14 18.68 28.88
N ASP A 136 8.19 17.76 28.73
CA ASP A 136 8.48 16.34 28.85
C ASP A 136 9.64 15.94 27.96
N LEU A 137 9.63 16.40 26.71
CA LEU A 137 10.70 16.08 25.77
C LEU A 137 12.04 16.69 26.19
N ALA A 138 12.01 17.91 26.70
CA ALA A 138 13.22 18.61 27.09
C ALA A 138 13.90 17.91 28.26
N VAL A 139 13.08 17.42 29.19
CA VAL A 139 13.58 16.58 30.28
C VAL A 139 14.38 15.41 29.72
N ALA A 140 13.82 14.76 28.70
CA ALA A 140 14.47 13.61 28.09
C ALA A 140 15.59 14.04 27.14
N GLY A 141 15.90 15.33 27.12
CA GLY A 141 16.98 15.84 26.29
C GLY A 141 16.60 16.14 24.85
N VAL A 142 15.31 16.20 24.58
CA VAL A 142 14.83 16.44 23.23
C VAL A 142 14.18 17.81 23.06
N THR A 143 14.63 18.57 22.07
CA THR A 143 14.01 19.86 21.77
C THR A 143 12.86 19.70 20.75
N LEU A 144 11.64 19.96 21.16
CA LEU A 144 10.49 19.96 20.26
C LEU A 144 10.57 21.06 19.20
N VAL A 145 10.46 20.68 17.92
CA VAL A 145 10.22 21.66 16.86
C VAL A 145 8.80 21.42 16.30
N PRO A 146 7.81 22.13 16.86
CA PRO A 146 6.41 21.87 16.52
C PRO A 146 5.90 22.71 15.36
N ILE A 147 5.37 22.06 14.34
CA ILE A 147 4.90 22.75 13.13
C ILE A 147 3.42 22.52 12.94
N VAL A 148 2.66 23.60 12.80
CA VAL A 148 1.24 23.45 12.50
C VAL A 148 0.98 24.03 11.12
N ASP A 149 0.51 23.19 10.20
CA ASP A 149 0.28 23.64 8.82
C ASP A 149 -1.20 23.60 8.45
N GLY A 150 -1.86 24.76 8.48
CA GLY A 150 -3.28 24.86 8.15
C GLY A 150 -3.56 25.11 6.67
N ARG A 151 -4.49 24.34 6.12
CA ARG A 151 -4.88 24.49 4.72
CA ARG A 151 -4.89 24.48 4.72
C ARG A 151 -6.33 24.99 4.66
N CYS A 152 -6.65 25.74 3.60
CA CYS A 152 -8.02 26.25 3.46
C CYS A 152 -8.88 25.42 2.50
N ASP A 153 -8.30 24.40 1.90
CA ASP A 153 -9.02 23.50 1.01
C ASP A 153 -8.28 22.19 0.86
N TYR A 154 -8.83 21.30 0.03
CA TYR A 154 -8.27 19.96 -0.14
C TYR A 154 -7.30 19.83 -1.32
N ASP A 155 -6.86 20.94 -1.88
CA ASP A 155 -5.94 20.92 -3.01
CA ASP A 155 -5.96 20.89 -3.03
C ASP A 155 -4.70 20.05 -2.73
N ASN A 156 -4.31 19.19 -3.65
CA ASN A 156 -3.10 18.39 -3.43
C ASN A 156 -2.40 17.95 -4.71
N SER A 157 -1.17 17.49 -4.55
CA SER A 157 -0.33 17.20 -5.72
C SER A 157 -0.66 15.84 -6.33
N PHE A 158 -1.57 15.09 -5.73
CA PHE A 158 -1.83 13.72 -6.19
C PHE A 158 -3.05 13.62 -7.11
N MET A 159 -3.83 14.69 -7.18
CA MET A 159 -5.04 14.70 -7.97
C MET A 159 -5.19 15.95 -8.83
N PRO A 160 -5.67 15.78 -10.06
CA PRO A 160 -6.12 16.91 -10.90
C PRO A 160 -7.22 17.64 -10.18
N GLU A 161 -7.31 18.96 -10.35
CA GLU A 161 -8.33 19.75 -9.69
C GLU A 161 -9.75 19.25 -10.05
N TRP A 162 -9.97 18.83 -11.30
CA TRP A 162 -11.32 18.41 -11.68
C TRP A 162 -11.70 17.13 -10.95
N ALA A 163 -10.74 16.23 -10.73
CA ALA A 163 -11.00 14.95 -10.07
C ALA A 163 -11.19 15.13 -8.57
N ASN A 164 -10.43 16.05 -8.00
CA ASN A 164 -10.56 16.39 -6.60
C ASN A 164 -11.97 16.92 -6.39
N PHE A 165 -12.40 17.82 -7.27
CA PHE A 165 -13.75 18.35 -7.16
C PHE A 165 -14.83 17.25 -7.34
N LYS A 166 -14.69 16.39 -8.34
CA LYS A 166 -15.71 15.35 -8.55
C LYS A 166 -15.79 14.40 -7.36
N PHE A 167 -14.62 14.05 -6.81
CA PHE A 167 -14.53 13.16 -5.65
C PHE A 167 -15.30 13.78 -4.49
N ARG A 168 -15.05 15.05 -4.21
CA ARG A 168 -15.77 15.75 -3.15
C ARG A 168 -17.26 15.89 -3.43
N ASP A 169 -17.59 16.16 -4.69
CA ASP A 169 -18.99 16.30 -5.09
C ASP A 169 -19.74 14.99 -4.83
N LEU A 170 -19.11 13.87 -5.16
CA LEU A 170 -19.72 12.56 -4.94
C LEU A 170 -19.87 12.25 -3.44
N LEU A 171 -18.82 12.52 -2.66
CA LEU A 171 -18.90 12.35 -1.22
C LEU A 171 -20.01 13.22 -0.63
N PHE A 172 -20.14 14.43 -1.16
CA PHE A 172 -21.17 15.34 -0.67
C PHE A 172 -22.56 14.79 -1.00
N LYS A 173 -22.71 14.15 -2.16
CA LYS A 173 -24.00 13.60 -2.54
C LYS A 173 -24.36 12.46 -1.59
N LEU A 174 -23.36 11.64 -1.26
CA LEU A 174 -23.54 10.59 -0.28
C LEU A 174 -24.05 11.15 1.05
N LEU A 175 -23.41 12.22 1.50
CA LEU A 175 -23.78 12.85 2.76
C LEU A 175 -25.18 13.42 2.68
N GLU A 176 -25.52 13.99 1.53
CA GLU A 176 -26.85 14.53 1.25
C GLU A 176 -27.95 13.47 1.36
N TYR A 177 -27.70 12.32 0.72
CA TYR A 177 -28.63 11.20 0.75
C TYR A 177 -28.89 10.72 2.17
N SER A 178 -27.82 10.68 2.98
CA SER A 178 -27.93 10.21 4.36
C SER A 178 -28.74 11.18 5.22
N ASN A 179 -28.57 12.48 4.97
CA ASN A 179 -29.35 13.49 5.68
C ASN A 179 -30.81 13.44 5.27
N GLN A 180 -31.05 13.12 3.99
CA GLN A 180 -32.41 12.99 3.48
C GLN A 180 -33.09 11.72 4.00
N ASP A 181 -32.30 10.68 4.24
CA ASP A 181 -32.82 9.44 4.82
C ASP A 181 -33.26 9.67 6.26
N GLU A 182 -32.39 10.30 7.04
CA GLU A 182 -32.65 10.59 8.45
C GLU A 182 -33.80 11.59 8.62
N LYS A 183 -34.21 12.20 7.52
CA LYS A 183 -35.34 13.11 7.54
C LYS A 183 -36.62 12.36 7.20
N VAL A 184 -36.50 11.06 6.97
CA VAL A 184 -37.67 10.21 6.78
C VAL A 184 -37.92 9.40 8.04
N PHE A 185 -36.85 8.91 8.66
CA PHE A 185 -36.95 8.34 10.00
C PHE A 185 -37.49 9.42 10.94
N GLU A 186 -37.34 10.67 10.53
CA GLU A 186 -37.84 11.84 11.27
C GLU A 186 -39.33 12.07 11.02
N GLU A 187 -39.72 12.15 9.76
CA GLU A 187 -41.13 12.24 9.42
C GLU A 187 -41.63 10.95 8.79
N SER A 188 -42.03 10.01 9.64
CA SER A 188 -42.68 8.78 9.20
C SER A 188 -43.30 8.07 10.41
N GLU A 189 -44.12 7.05 10.15
CA GLU A 189 -44.77 6.30 11.22
C GLU A 189 -43.75 5.66 12.16
N TYR A 190 -42.62 5.24 11.61
CA TYR A 190 -41.57 4.62 12.42
C TYR A 190 -40.96 5.60 13.41
N PHE A 191 -41.22 6.89 13.22
CA PHE A 191 -40.71 7.93 14.10
C PHE A 191 -41.53 7.98 15.38
N ARG A 192 -42.82 7.90 15.17
CA ARG A 192 -43.76 7.92 16.25
C ARG A 192 -43.40 6.79 17.17
N LEU A 193 -43.16 5.62 16.60
CA LEU A 193 -42.89 4.38 17.31
C LEU A 193 -41.62 4.52 18.13
N CYS A 194 -40.60 5.15 17.53
CA CYS A 194 -39.35 5.35 18.20
C CYS A 194 -39.49 6.39 19.30
N GLU A 195 -40.30 7.42 19.09
CA GLU A 195 -40.51 8.39 20.14
C GLU A 195 -41.65 7.84 21.01
N SER A 196 -41.76 6.52 21.05
CA SER A 196 -42.78 5.83 21.79
C SER A 196 -42.20 4.55 22.37
N LYS B 2 -26.68 -8.61 -9.83
CA LYS B 2 -27.77 -9.31 -9.17
C LYS B 2 -27.83 -10.78 -9.56
N HIS B 3 -27.95 -11.11 -10.83
CA HIS B 3 -27.94 -12.51 -11.23
C HIS B 3 -26.52 -12.89 -11.65
N HIS B 4 -25.97 -13.92 -11.04
CA HIS B 4 -24.61 -14.35 -11.34
C HIS B 4 -24.61 -15.35 -12.50
N HIS B 5 -23.97 -14.98 -13.61
CA HIS B 5 -23.89 -15.86 -14.78
C HIS B 5 -22.50 -16.50 -14.92
N HIS B 6 -21.53 -16.00 -14.16
CA HIS B 6 -20.21 -16.62 -14.06
C HIS B 6 -19.37 -16.57 -15.36
N HIS B 7 -19.47 -15.46 -16.10
CA HIS B 7 -18.61 -15.20 -17.26
C HIS B 7 -17.40 -14.32 -16.87
N HIS B 8 -16.60 -13.91 -17.85
CA HIS B 8 -15.26 -13.38 -17.53
C HIS B 8 -15.31 -12.12 -16.66
N ASP B 9 -16.32 -11.27 -16.85
CA ASP B 9 -16.46 -10.08 -16.00
C ASP B 9 -16.74 -10.45 -14.56
N GLU B 10 -17.49 -11.54 -14.36
CA GLU B 10 -17.75 -11.98 -13.01
C GLU B 10 -16.54 -12.69 -12.42
N ILE B 11 -15.81 -13.42 -13.25
CA ILE B 11 -14.54 -13.99 -12.82
C ILE B 11 -13.62 -12.89 -12.30
N ILE B 12 -13.49 -11.80 -13.06
CA ILE B 12 -12.64 -10.71 -12.60
C ILE B 12 -13.16 -10.09 -11.31
N SER B 13 -14.47 -9.90 -11.23
CA SER B 13 -15.04 -9.33 -10.01
C SER B 13 -14.83 -10.22 -8.77
N GLU B 14 -14.87 -11.53 -8.96
CA GLU B 14 -14.65 -12.45 -7.84
C GLU B 14 -13.20 -12.44 -7.40
N LEU B 15 -12.27 -12.42 -8.35
CA LEU B 15 -10.86 -12.28 -8.00
C LEU B 15 -10.61 -11.01 -7.18
N ARG B 16 -11.30 -9.93 -7.52
CA ARG B 16 -11.14 -8.69 -6.75
C ARG B 16 -11.70 -8.81 -5.35
N GLU B 17 -12.83 -9.49 -5.19
CA GLU B 17 -13.43 -9.70 -3.87
C GLU B 17 -12.49 -10.52 -2.99
N LEU B 18 -11.88 -11.54 -3.59
CA LEU B 18 -10.96 -12.40 -2.85
C LEU B 18 -9.76 -11.59 -2.39
N CYS B 19 -9.22 -10.80 -3.31
CA CYS B 19 -8.08 -9.97 -3.03
C CYS B 19 -8.39 -8.99 -1.90
N LEU B 20 -9.53 -8.31 -2.01
CA LEU B 20 -9.91 -7.32 -1.00
C LEU B 20 -10.20 -7.89 0.37
N ASN B 21 -10.96 -8.98 0.42
CA ASN B 21 -11.47 -9.50 1.68
C ASN B 21 -10.76 -10.72 2.27
N TYR B 22 -9.92 -11.42 1.51
CA TYR B 22 -9.33 -12.64 2.08
C TYR B 22 -7.82 -12.75 1.95
N ILE B 23 -7.19 -11.70 1.44
CA ILE B 23 -5.74 -11.63 1.54
C ILE B 23 -5.42 -10.65 2.66
N GLU B 24 -4.65 -11.13 3.63
CA GLU B 24 -4.36 -10.36 4.84
C GLU B 24 -3.88 -8.94 4.51
N GLN B 25 -4.26 -7.97 5.35
CA GLN B 25 -3.89 -6.58 5.10
C GLN B 25 -2.47 -6.22 5.55
N ASP B 26 -1.49 -6.99 5.12
CA ASP B 26 -0.08 -6.67 5.36
C ASP B 26 0.35 -5.53 4.44
N GLU B 27 0.97 -4.50 5.01
CA GLU B 27 1.32 -3.29 4.26
C GLU B 27 2.24 -3.56 3.09
N ARG B 28 3.10 -4.60 3.20
CA ARG B 28 3.99 -4.94 2.08
C ARG B 28 3.22 -5.44 0.85
N LEU B 29 1.94 -5.74 1.02
CA LEU B 29 1.13 -6.21 -0.11
C LEU B 29 0.31 -5.08 -0.75
N SER B 30 0.26 -3.92 -0.11
CA SER B 30 -0.62 -2.83 -0.57
C SER B 30 -0.40 -2.42 -2.02
N ARG B 31 0.85 -2.22 -2.42
CA ARG B 31 1.11 -1.77 -3.78
C ARG B 31 0.65 -2.77 -4.82
N GLN B 32 0.93 -4.06 -4.60
CA GLN B 32 0.54 -5.04 -5.60
C GLN B 32 -0.96 -5.30 -5.59
N LYS B 33 -1.60 -5.21 -4.43
CA LYS B 33 -3.05 -5.34 -4.41
C LYS B 33 -3.69 -4.24 -5.25
N LEU B 34 -3.19 -3.02 -5.06
CA LEU B 34 -3.73 -1.88 -5.78
C LEU B 34 -3.47 -2.05 -7.26
N ASN B 35 -2.25 -2.48 -7.63
CA ASN B 35 -1.93 -2.74 -9.03
C ASN B 35 -2.87 -3.75 -9.66
N PHE B 36 -3.17 -4.80 -8.90
CA PHE B 36 -4.09 -5.83 -9.35
C PHE B 36 -5.52 -5.31 -9.53
N LEU B 37 -6.02 -4.61 -8.51
CA LEU B 37 -7.40 -4.11 -8.50
C LEU B 37 -7.68 -3.11 -9.62
N GLY B 38 -6.63 -2.45 -10.10
CA GLY B 38 -6.78 -1.46 -11.15
C GLY B 38 -6.77 -2.00 -12.56
N GLN B 39 -6.49 -3.29 -12.73
CA GLN B 39 -6.46 -3.86 -14.07
C GLN B 39 -7.87 -4.12 -14.59
N ARG B 40 -8.05 -3.90 -15.89
CA ARG B 40 -9.34 -4.08 -16.56
C ARG B 40 -9.30 -5.15 -17.66
N GLU B 41 -8.17 -5.24 -18.37
CA GLU B 41 -8.01 -6.24 -19.43
C GLU B 41 -7.77 -7.63 -18.83
N PRO B 42 -8.54 -8.63 -19.28
CA PRO B 42 -8.43 -10.00 -18.77
C PRO B 42 -7.00 -10.52 -18.66
N ARG B 43 -6.19 -10.34 -19.70
CA ARG B 43 -4.83 -10.86 -19.67
C ARG B 43 -4.01 -10.15 -18.60
N MET B 44 -4.31 -8.87 -18.37
CA MET B 44 -3.58 -8.09 -17.38
C MET B 44 -4.04 -8.40 -15.95
N VAL B 45 -5.34 -8.60 -15.75
CA VAL B 45 -5.84 -9.10 -14.48
C VAL B 45 -5.09 -10.40 -14.15
N LEU B 46 -5.01 -11.30 -15.14
CA LEU B 46 -4.35 -12.58 -14.95
C LEU B 46 -2.90 -12.39 -14.48
N ILE B 47 -2.18 -11.54 -15.19
CA ILE B 47 -0.76 -11.37 -14.94
C ILE B 47 -0.45 -10.76 -13.56
N GLU B 48 -1.17 -9.72 -13.20
CA GLU B 48 -0.99 -9.05 -11.91
C GLU B 48 -1.55 -9.91 -10.79
N GLY B 49 -2.51 -10.76 -11.12
CA GLY B 49 -3.04 -11.72 -10.14
C GLY B 49 -1.95 -12.73 -9.78
N LEU B 50 -1.28 -13.25 -10.81
CA LEU B 50 -0.20 -14.20 -10.62
C LEU B 50 0.93 -13.54 -9.82
N LYS B 51 1.21 -12.29 -10.14
CA LYS B 51 2.25 -11.57 -9.40
C LYS B 51 1.86 -11.32 -7.94
N LEU B 52 0.57 -11.07 -7.69
CA LEU B 52 0.11 -10.87 -6.32
C LEU B 52 0.34 -12.16 -5.53
N LEU B 53 -0.04 -13.28 -6.13
CA LEU B 53 0.12 -14.58 -5.47
C LEU B 53 1.59 -14.82 -5.19
N SER B 54 2.44 -14.53 -6.19
CA SER B 54 3.87 -14.71 -6.01
C SER B 54 4.40 -13.85 -4.88
N ARG B 55 3.89 -12.63 -4.78
CA ARG B 55 4.37 -11.73 -3.73
C ARG B 55 3.99 -12.24 -2.34
N CYS B 56 2.80 -12.83 -2.21
CA CYS B 56 2.42 -13.41 -0.92
C CYS B 56 3.44 -14.49 -0.50
N ILE B 57 3.88 -15.27 -1.47
CA ILE B 57 4.79 -16.38 -1.19
C ILE B 57 6.19 -15.85 -0.83
N GLU B 58 6.67 -14.86 -1.58
CA GLU B 58 7.99 -14.27 -1.32
C GLU B 58 8.11 -13.63 0.05
N ILE B 59 7.09 -12.89 0.43
CA ILE B 59 7.10 -12.24 1.72
C ILE B 59 6.97 -13.28 2.84
N ASP B 60 6.16 -14.30 2.60
CA ASP B 60 5.98 -15.40 3.54
C ASP B 60 7.34 -16.07 3.81
N SER B 61 8.08 -16.29 2.73
CA SER B 61 9.40 -16.87 2.77
C SER B 61 10.38 -15.98 3.53
N ALA B 62 10.34 -14.68 3.24
CA ALA B 62 11.20 -13.72 3.93
C ALA B 62 10.95 -13.74 5.44
N ASP B 63 9.69 -13.69 5.85
CA ASP B 63 9.33 -13.75 7.27
C ASP B 63 9.80 -15.05 7.95
N LYS B 64 9.57 -16.19 7.30
CA LYS B 64 9.93 -17.48 7.88
C LYS B 64 11.43 -17.67 7.94
N SER B 65 12.14 -17.01 7.03
CA SER B 65 13.58 -17.08 6.93
C SER B 65 14.32 -15.99 7.74
N GLY B 66 13.58 -15.15 8.45
CA GLY B 66 14.18 -14.10 9.28
C GLY B 66 14.87 -13.00 8.49
N CYS B 67 14.43 -12.83 7.24
CA CYS B 67 14.98 -11.87 6.28
C CYS B 67 14.03 -10.69 6.07
N THR B 68 14.56 -9.59 5.54
CA THR B 68 13.73 -8.51 5.03
C THR B 68 13.30 -8.79 3.60
N HIS B 69 12.00 -8.76 3.32
CA HIS B 69 11.59 -8.97 1.93
C HIS B 69 12.08 -7.82 1.04
N ASN B 70 12.53 -8.17 -0.17
CA ASN B 70 13.09 -7.21 -1.09
C ASN B 70 11.97 -6.44 -1.82
N HIS B 71 11.27 -5.61 -1.06
CA HIS B 71 10.07 -4.89 -1.53
C HIS B 71 10.23 -4.21 -2.89
N ASP B 72 11.38 -3.57 -3.10
CA ASP B 72 11.59 -2.73 -4.28
C ASP B 72 12.55 -3.34 -5.29
N ASP B 73 12.82 -4.63 -5.14
CA ASP B 73 13.67 -5.33 -6.10
C ASP B 73 15.05 -4.71 -6.20
N LYS B 74 15.61 -4.29 -5.08
CA LYS B 74 16.98 -3.81 -5.06
C LYS B 74 17.96 -4.92 -5.47
N SER B 75 19.05 -4.54 -6.13
CA SER B 75 20.14 -5.48 -6.43
C SER B 75 21.01 -5.64 -5.20
N VAL B 76 21.84 -6.69 -5.19
CA VAL B 76 22.77 -6.89 -4.07
C VAL B 76 23.73 -5.71 -3.95
N GLU B 77 24.15 -5.16 -5.09
CA GLU B 77 25.03 -4.00 -5.11
C GLU B 77 24.35 -2.80 -4.46
N THR B 78 23.10 -2.58 -4.83
CA THR B 78 22.31 -1.51 -4.23
C THR B 78 22.17 -1.71 -2.72
N ILE B 79 21.91 -2.95 -2.30
CA ILE B 79 21.73 -3.24 -0.89
C ILE B 79 23.00 -2.94 -0.11
N LEU B 80 24.12 -3.27 -0.72
CA LEU B 80 25.43 -3.00 -0.14
C LEU B 80 25.72 -1.51 -0.14
N VAL B 81 25.55 -0.86 -1.29
CA VAL B 81 25.85 0.56 -1.44
C VAL B 81 25.02 1.41 -0.47
N GLU B 82 23.82 0.94 -0.13
CA GLU B 82 22.97 1.67 0.80
C GLU B 82 23.41 1.53 2.25
N SER B 83 24.37 0.64 2.51
CA SER B 83 24.91 0.48 3.85
C SER B 83 26.38 0.87 3.92
N GLY B 84 26.83 1.62 2.92
CA GLY B 84 28.18 2.13 2.89
C GLY B 84 29.22 1.05 2.65
N ILE B 85 28.91 0.13 1.75
CA ILE B 85 29.85 -0.92 1.44
C ILE B 85 29.93 -0.99 -0.05
N VAL B 86 31.14 -0.97 -0.58
CA VAL B 86 31.31 -0.99 -2.02
C VAL B 86 31.83 -2.29 -2.54
N CYS B 87 31.16 -2.79 -3.55
CA CYS B 87 31.53 -4.02 -4.19
C CYS B 87 31.20 -3.61 -5.57
N PRO B 88 32.20 -3.40 -6.37
CA PRO B 88 31.95 -2.84 -7.69
C PRO B 88 31.96 -3.82 -8.81
N GLY B 89 32.64 -4.93 -8.64
CA GLY B 89 32.61 -5.91 -9.70
C GLY B 89 31.56 -6.80 -9.13
N LEU B 90 30.34 -6.79 -9.70
CA LEU B 90 29.27 -7.58 -9.13
C LEU B 90 28.10 -7.82 -10.05
N PRO B 91 27.93 -9.04 -10.50
CA PRO B 91 26.82 -9.42 -11.39
C PRO B 91 25.46 -9.02 -10.84
N LEU B 92 24.47 -8.96 -11.71
CA LEU B 92 23.13 -8.55 -11.32
C LEU B 92 22.37 -9.67 -10.61
N ILE B 93 22.12 -9.48 -9.33
CA ILE B 93 21.30 -10.43 -8.58
C ILE B 93 20.27 -9.69 -7.74
N ILE B 94 19.01 -10.04 -7.95
CA ILE B 94 17.91 -9.47 -7.18
C ILE B 94 17.30 -10.53 -6.27
N PRO B 95 17.67 -10.51 -4.99
CA PRO B 95 17.20 -11.53 -4.06
C PRO B 95 15.76 -11.32 -3.62
N ASP B 96 15.08 -12.40 -3.25
CA ASP B 96 13.73 -12.27 -2.71
C ASP B 96 13.78 -11.64 -1.34
N GLY B 97 14.90 -11.84 -0.63
CA GLY B 97 15.02 -11.33 0.72
C GLY B 97 16.46 -11.05 1.08
N TYR B 98 16.68 -10.24 2.12
CA TYR B 98 18.05 -9.94 2.52
C TYR B 98 18.07 -9.44 3.95
N LYS B 99 19.26 -9.47 4.55
CA LYS B 99 19.47 -8.97 5.89
C LYS B 99 20.95 -8.85 6.16
N LEU B 100 21.42 -7.63 6.36
CA LEU B 100 22.82 -7.40 6.71
C LEU B 100 22.92 -7.30 8.22
N ILE B 101 23.58 -8.26 8.83
CA ILE B 101 23.81 -8.19 10.27
C ILE B 101 25.33 -8.19 10.47
N ASP B 102 25.82 -7.14 11.13
CA ASP B 102 27.26 -6.96 11.28
C ASP B 102 27.95 -7.02 9.93
N ASN B 103 28.78 -8.03 9.77
CA ASN B 103 29.50 -8.23 8.52
C ASN B 103 28.89 -9.33 7.66
N SER B 104 27.77 -9.89 8.11
CA SER B 104 27.11 -11.00 7.42
C SER B 104 25.92 -10.52 6.59
N LEU B 105 25.89 -10.91 5.33
CA LEU B 105 24.76 -10.57 4.48
C LEU B 105 23.97 -11.83 4.14
N ILE B 106 22.82 -11.98 4.79
CA ILE B 106 21.88 -13.05 4.43
C ILE B 106 21.16 -12.68 3.14
N LEU B 107 21.18 -13.60 2.19
CA LEU B 107 20.44 -13.44 0.93
C LEU B 107 19.53 -14.63 0.69
N LEU B 108 18.26 -14.35 0.39
CA LEU B 108 17.24 -15.39 0.22
C LEU B 108 16.69 -15.48 -1.21
N GLU B 109 16.65 -16.70 -1.75
CA GLU B 109 15.93 -17.00 -2.98
C GLU B 109 14.83 -17.99 -2.64
N CYS B 110 13.61 -17.76 -3.11
CA CYS B 110 12.58 -18.76 -2.89
C CYS B 110 11.91 -19.15 -4.20
N PHE B 111 11.31 -20.33 -4.21
CA PHE B 111 10.63 -20.77 -5.42
C PHE B 111 9.57 -21.81 -5.13
N VAL B 112 8.70 -22.05 -6.10
CA VAL B 112 7.72 -23.15 -6.04
C VAL B 112 7.92 -24.07 -7.24
N ARG B 113 8.07 -25.37 -7.01
CA ARG B 113 8.07 -26.33 -8.12
C ARG B 113 7.14 -27.49 -7.80
N SER B 114 6.58 -28.12 -8.83
CA SER B 114 5.50 -29.09 -8.64
C SER B 114 5.91 -30.52 -8.96
N THR B 115 7.15 -30.71 -9.39
CA THR B 115 7.67 -32.06 -9.55
C THR B 115 9.06 -32.13 -8.92
N PRO B 116 9.44 -33.31 -8.42
CA PRO B 116 10.74 -33.49 -7.76
C PRO B 116 11.90 -33.14 -8.69
N ALA B 117 11.84 -33.59 -9.94
CA ALA B 117 12.90 -33.30 -10.90
C ALA B 117 13.11 -31.79 -11.09
N SER B 118 12.03 -31.04 -11.26
CA SER B 118 12.16 -29.59 -11.45
C SER B 118 12.45 -28.88 -10.14
N PHE B 119 11.95 -29.43 -9.02
CA PHE B 119 12.33 -28.92 -7.70
C PHE B 119 13.84 -28.95 -7.52
N GLU B 120 14.44 -30.11 -7.75
CA GLU B 120 15.88 -30.25 -7.53
C GLU B 120 16.68 -29.36 -8.47
N LYS B 121 16.27 -29.31 -9.74
CA LYS B 121 16.96 -28.51 -10.75
C LYS B 121 16.95 -27.03 -10.37
N LYS B 122 15.80 -26.55 -9.94
CA LYS B 122 15.69 -25.15 -9.55
C LYS B 122 16.49 -24.88 -8.27
N PHE B 123 16.50 -25.85 -7.37
CA PHE B 123 17.27 -25.66 -6.13
C PHE B 123 18.76 -25.49 -6.44
N ILE B 124 19.26 -26.31 -7.36
CA ILE B 124 20.65 -26.19 -7.77
C ILE B 124 20.94 -24.85 -8.43
N GLU B 125 20.11 -24.47 -9.40
CA GLU B 125 20.29 -23.17 -10.09
C GLU B 125 20.34 -22.00 -9.09
N ASP B 126 19.39 -21.93 -8.17
CA ASP B 126 19.35 -20.82 -7.24
C ASP B 126 20.55 -20.82 -6.29
N THR B 127 20.98 -22.01 -5.90
CA THR B 127 22.16 -22.15 -5.05
C THR B 127 23.41 -21.62 -5.78
N ASN B 128 23.60 -22.06 -7.01
CA ASN B 128 24.75 -21.60 -7.79
C ASN B 128 24.71 -20.10 -8.02
N LYS B 129 23.50 -19.58 -8.21
CA LYS B 129 23.31 -18.16 -8.43
C LYS B 129 23.90 -17.32 -7.29
N LEU B 130 23.60 -17.70 -6.05
CA LEU B 130 24.12 -16.96 -4.92
C LEU B 130 25.61 -17.25 -4.71
N ALA B 131 26.03 -18.48 -4.94
CA ALA B 131 27.40 -18.89 -4.64
C ALA B 131 28.43 -18.07 -5.43
N CYS B 132 28.09 -17.76 -6.66
CA CYS B 132 29.04 -17.15 -7.59
C CYS B 132 29.47 -15.74 -7.19
N ILE B 133 28.93 -15.21 -6.10
CA ILE B 133 29.39 -13.92 -5.62
C ILE B 133 29.95 -13.98 -4.21
N ARG B 134 30.15 -15.19 -3.70
CA ARG B 134 30.67 -15.35 -2.33
C ARG B 134 32.06 -14.74 -2.20
N GLU B 135 32.84 -14.82 -3.27
CA GLU B 135 34.23 -14.39 -3.22
C GLU B 135 34.33 -12.87 -3.23
N ASP B 136 33.61 -12.26 -4.17
CA ASP B 136 33.57 -10.80 -4.24
C ASP B 136 33.16 -10.20 -2.90
N LEU B 137 32.07 -10.72 -2.33
CA LEU B 137 31.61 -10.25 -1.02
C LEU B 137 32.69 -10.42 0.05
N ALA B 138 33.43 -11.53 -0.01
CA ALA B 138 34.49 -11.78 0.95
C ALA B 138 35.60 -10.73 0.80
N VAL B 139 35.91 -10.38 -0.43
CA VAL B 139 36.87 -9.32 -0.70
C VAL B 139 36.47 -8.03 0.00
N ALA B 140 35.23 -7.62 -0.18
CA ALA B 140 34.73 -6.39 0.40
C ALA B 140 34.45 -6.53 1.90
N GLY B 141 34.91 -7.64 2.48
CA GLY B 141 34.76 -7.86 3.91
C GLY B 141 33.39 -8.38 4.37
N VAL B 142 32.61 -8.92 3.44
CA VAL B 142 31.27 -9.42 3.76
C VAL B 142 31.15 -10.94 3.72
N THR B 143 30.57 -11.52 4.77
CA THR B 143 30.26 -12.94 4.79
C THR B 143 28.87 -13.27 4.24
N LEU B 144 28.82 -13.90 3.07
CA LEU B 144 27.58 -14.35 2.47
C LEU B 144 26.94 -15.49 3.24
N VAL B 145 25.68 -15.30 3.62
CA VAL B 145 24.87 -16.36 4.20
C VAL B 145 23.71 -16.64 3.24
N PRO B 146 23.90 -17.57 2.30
CA PRO B 146 22.89 -17.75 1.24
C PRO B 146 21.81 -18.73 1.64
N ILE B 147 20.57 -18.41 1.32
CA ILE B 147 19.45 -19.27 1.68
C ILE B 147 18.57 -19.50 0.47
N VAL B 148 18.30 -20.76 0.17
CA VAL B 148 17.39 -21.09 -0.91
C VAL B 148 16.22 -21.85 -0.32
N ASP B 149 15.04 -21.27 -0.42
CA ASP B 149 13.84 -21.86 0.16
C ASP B 149 12.93 -22.40 -0.93
N GLY B 150 13.05 -23.70 -1.20
CA GLY B 150 12.25 -24.34 -2.23
C GLY B 150 10.97 -24.88 -1.67
N ARG B 151 9.86 -24.57 -2.34
CA ARG B 151 8.54 -24.98 -1.87
C ARG B 151 7.83 -25.85 -2.87
N CYS B 152 6.91 -26.68 -2.38
CA CYS B 152 6.24 -27.67 -3.23
CA CYS B 152 6.24 -27.65 -3.24
C CYS B 152 4.81 -27.27 -3.54
N ASP B 153 4.35 -26.18 -2.92
CA ASP B 153 3.00 -25.68 -3.20
C ASP B 153 2.91 -24.19 -2.92
N TYR B 154 1.72 -23.61 -3.09
CA TYR B 154 1.57 -22.16 -3.05
C TYR B 154 1.05 -21.65 -1.72
N ASP B 155 1.01 -22.52 -0.71
CA ASP B 155 0.54 -22.13 0.62
C ASP B 155 1.31 -20.94 1.20
N ASN B 156 0.60 -20.04 1.87
CA ASN B 156 1.27 -18.92 2.54
C ASN B 156 0.39 -18.31 3.62
N SER B 157 1.00 -17.58 4.53
CA SER B 157 0.30 -17.14 5.71
C SER B 157 -0.66 -15.98 5.44
N PHE B 158 -0.64 -15.41 4.23
CA PHE B 158 -1.49 -14.26 3.98
C PHE B 158 -2.84 -14.64 3.36
N MET B 159 -3.01 -15.90 2.99
CA MET B 159 -4.31 -16.34 2.50
C MET B 159 -4.72 -17.65 3.13
N PRO B 160 -6.00 -17.77 3.48
CA PRO B 160 -6.51 -19.07 3.92
C PRO B 160 -6.40 -20.09 2.79
N GLU B 161 -6.24 -21.36 3.13
CA GLU B 161 -6.05 -22.39 2.11
C GLU B 161 -7.18 -22.38 1.07
N TRP B 162 -8.44 -22.32 1.52
CA TRP B 162 -9.56 -22.36 0.58
C TRP B 162 -9.53 -21.17 -0.41
N ALA B 163 -9.15 -19.99 0.08
CA ALA B 163 -9.14 -18.78 -0.73
C ALA B 163 -8.02 -18.83 -1.75
N ASN B 164 -6.87 -19.34 -1.31
CA ASN B 164 -5.71 -19.56 -2.17
C ASN B 164 -6.10 -20.49 -3.32
N PHE B 165 -6.72 -21.63 -2.99
CA PHE B 165 -7.20 -22.54 -4.01
C PHE B 165 -8.19 -21.87 -4.98
N LYS B 166 -9.16 -21.15 -4.43
CA LYS B 166 -10.20 -20.57 -5.28
C LYS B 166 -9.64 -19.44 -6.15
N PHE B 167 -8.70 -18.68 -5.60
CA PHE B 167 -8.03 -17.63 -6.34
C PHE B 167 -7.29 -18.24 -7.55
N ARG B 168 -6.57 -19.34 -7.32
CA ARG B 168 -5.85 -20.00 -8.42
C ARG B 168 -6.83 -20.59 -9.42
N ASP B 169 -7.92 -21.14 -8.92
CA ASP B 169 -8.95 -21.73 -9.77
C ASP B 169 -9.56 -20.70 -10.72
N LEU B 170 -9.88 -19.53 -10.20
CA LEU B 170 -10.40 -18.45 -11.03
C LEU B 170 -9.33 -17.88 -11.98
N LEU B 171 -8.08 -17.80 -11.55
CA LEU B 171 -7.03 -17.36 -12.45
C LEU B 171 -6.93 -18.31 -13.64
N PHE B 172 -7.05 -19.61 -13.38
CA PHE B 172 -6.99 -20.59 -14.46
C PHE B 172 -8.14 -20.40 -15.44
N LYS B 173 -9.34 -20.19 -14.92
CA LYS B 173 -10.48 -19.94 -15.78
C LYS B 173 -10.31 -18.64 -16.57
N LEU B 174 -9.65 -17.63 -15.99
CA LEU B 174 -9.40 -16.38 -16.72
C LEU B 174 -8.39 -16.63 -17.84
N LEU B 175 -7.40 -17.46 -17.56
CA LEU B 175 -6.40 -17.85 -18.55
C LEU B 175 -7.07 -18.51 -19.74
N GLU B 176 -7.97 -19.44 -19.47
CA GLU B 176 -8.71 -20.12 -20.54
C GLU B 176 -9.53 -19.12 -21.36
N TYR B 177 -10.18 -18.18 -20.69
CA TYR B 177 -10.95 -17.19 -21.42
C TYR B 177 -10.04 -16.32 -22.29
N SER B 178 -8.93 -15.87 -21.69
CA SER B 178 -7.99 -15.00 -22.36
C SER B 178 -7.38 -15.66 -23.59
N ASN B 179 -7.03 -16.94 -23.47
CA ASN B 179 -6.49 -17.68 -24.61
C ASN B 179 -7.51 -17.78 -25.74
N GLN B 180 -8.78 -17.97 -25.39
CA GLN B 180 -9.83 -18.04 -26.38
C GLN B 180 -10.06 -16.68 -27.01
N ASP B 181 -9.95 -15.63 -26.19
CA ASP B 181 -10.13 -14.27 -26.65
C ASP B 181 -9.04 -13.95 -27.68
N GLU B 182 -7.82 -14.38 -27.39
CA GLU B 182 -6.69 -14.14 -28.27
C GLU B 182 -6.85 -14.91 -29.60
N LYS B 183 -7.29 -16.16 -29.52
CA LYS B 183 -7.53 -16.95 -30.72
C LYS B 183 -8.53 -16.26 -31.64
N VAL B 184 -9.64 -15.81 -31.05
CA VAL B 184 -10.64 -15.06 -31.79
C VAL B 184 -10.08 -13.77 -32.38
N PHE B 185 -9.18 -13.12 -31.64
CA PHE B 185 -8.56 -11.90 -32.14
C PHE B 185 -7.68 -12.20 -33.36
N GLU B 186 -6.97 -13.32 -33.33
CA GLU B 186 -6.07 -13.68 -34.41
C GLU B 186 -6.82 -14.10 -35.68
N GLU B 187 -8.15 -14.09 -35.63
CA GLU B 187 -8.96 -14.36 -36.81
C GLU B 187 -9.69 -13.11 -37.28
N SER B 188 -9.38 -11.98 -36.64
CA SER B 188 -10.03 -10.72 -36.96
C SER B 188 -9.21 -9.94 -37.98
N GLU B 189 -9.86 -8.98 -38.63
CA GLU B 189 -9.19 -8.08 -39.57
C GLU B 189 -8.09 -7.31 -38.86
N TYR B 190 -8.35 -6.92 -37.60
CA TYR B 190 -7.35 -6.15 -36.84
C TYR B 190 -6.01 -6.86 -36.83
N PHE B 191 -6.03 -8.17 -36.68
CA PHE B 191 -4.80 -8.94 -36.68
C PHE B 191 -4.15 -8.92 -38.06
N ARG B 192 -4.97 -8.98 -39.10
CA ARG B 192 -4.46 -8.93 -40.47
C ARG B 192 -3.76 -7.57 -40.72
N LEU B 193 -4.41 -6.51 -40.27
CA LEU B 193 -3.83 -5.16 -40.39
C LEU B 193 -2.51 -5.05 -39.65
N CYS B 194 -2.42 -5.68 -38.48
CA CYS B 194 -1.14 -5.80 -37.77
C CYS B 194 -0.08 -6.44 -38.62
N GLU B 195 -0.41 -7.63 -39.14
CA GLU B 195 0.51 -8.41 -39.96
C GLU B 195 1.06 -7.53 -41.06
N SER B 196 0.16 -6.77 -41.66
CA SER B 196 0.53 -5.91 -42.78
C SER B 196 1.44 -4.77 -42.33
N LEU B 197 1.22 -4.26 -41.12
CA LEU B 197 2.08 -3.22 -40.55
C LEU B 197 3.59 -3.55 -40.71
N LYS B 198 3.91 -4.84 -40.82
CA LYS B 198 5.25 -5.32 -41.25
C LYS B 198 5.91 -4.51 -42.39
N THR B 199 5.15 -3.63 -43.04
CA THR B 199 5.70 -2.61 -43.93
C THR B 199 6.97 -1.96 -43.38
N THR B 200 7.18 -2.10 -42.08
CA THR B 200 8.31 -1.51 -41.39
C THR B 200 9.17 -2.60 -40.73
MN MN C . -4.05 16.50 11.01
MN MN D . -3.41 13.20 12.27
CL2 0N8 E . -6.39 10.52 7.65
C19 0N8 E . -6.99 10.80 9.30
C18 0N8 E . -7.47 12.02 9.64
C17 0N8 E . -7.93 12.25 10.93
C20 0N8 E . -6.94 9.80 10.24
C21 0N8 E . -7.39 10.02 11.50
C16 0N8 E . -7.88 11.25 11.86
C15 0N8 E . -8.41 11.46 13.34
C11 0N8 E . -7.25 11.58 14.42
C10 0N8 E . -6.55 10.31 14.83
C9 0N8 E . -5.48 10.57 15.92
C14 0N8 E . -6.24 12.60 13.69
O27 0N8 E . -5.15 12.31 13.28
C22 0N8 E . -6.77 14.05 13.57
C23 0N8 E . -6.12 15.04 12.92
O28 0N8 E . -4.88 14.83 12.21
C24 0N8 E . -6.65 16.45 12.86
O26 0N8 E . -7.59 16.91 13.69
O25 0N8 E . -6.02 17.05 11.90
C12 0N8 E . -7.80 12.16 15.65
C13 0N8 E . -6.68 12.59 16.60
N8 0N8 E . -5.90 11.40 17.05
C7 0N8 E . -6.70 10.73 18.03
C2 0N8 E . -5.84 9.69 18.86
C3 0N8 E . -5.11 10.07 19.99
C4 0N8 E . -4.38 9.12 20.68
C5 0N8 E . -4.38 7.80 20.25
C6 0N8 E . -5.10 7.42 19.13
C1 0N8 E . -5.84 8.37 18.43
H1 0N8 E . -7.51 12.72 8.98
H2 0N8 E . -8.30 13.16 11.19
H3 0N8 E . -6.58 8.92 10.00
H4 0N8 E . -7.35 9.29 12.18
H5 0N8 E . -8.95 12.32 13.37
H6 0N8 E . -8.97 10.74 13.58
H7 0N8 E . -7.21 9.70 15.16
H8 0N8 E . -6.12 9.92 14.05
H9 0N8 E . -5.20 9.70 16.27
H10 0N8 E . -4.70 11.01 15.49
H11 0N8 E . -7.61 14.15 14.09
H14 0N8 E . -4.75 15.51 11.65
H16 0N8 E . -8.35 12.93 15.43
H17 0N8 E . -8.36 11.49 16.10
H18 0N8 E . -7.08 13.05 17.39
H19 0N8 E . -6.10 13.19 16.14
H21 0N8 E . -7.08 11.40 18.65
H22 0N8 E . -7.41 10.27 17.60
H23 0N8 E . -5.12 11.05 20.30
H24 0N8 E . -3.85 9.37 21.48
H25 0N8 E . -3.84 7.11 20.75
H26 0N8 E . -5.10 6.51 18.84
H27 0N8 E . -6.37 8.11 17.60
C1 GOL F . -11.63 17.70 16.68
O1 GOL F . -12.68 18.58 17.03
C2 GOL F . -10.40 18.46 16.29
O2 GOL F . -9.58 17.62 15.53
C3 GOL F . -9.67 18.99 17.52
O3 GOL F . -8.57 19.80 17.19
H11 GOL F . -11.41 17.04 17.52
H12 GOL F . -11.95 17.07 15.84
HO1 GOL F . -13.23 18.74 16.27
H2 GOL F . -10.71 19.32 15.68
HO2 GOL F . -9.85 17.69 14.62
H31 GOL F . -10.36 19.57 18.12
H32 GOL F . -9.33 18.15 18.12
HO3 GOL F . -8.81 20.72 17.34
C1 GOL G . -13.15 -2.29 -6.21
O1 GOL G . -13.10 -3.70 -6.07
C2 GOL G . -13.27 -1.94 -7.69
O2 GOL G . -13.92 -0.71 -7.88
C3 GOL G . -11.89 -1.84 -8.35
O3 GOL G . -11.40 -3.12 -8.68
H11 GOL G . -14.00 -1.90 -5.67
H12 GOL G . -12.24 -1.86 -5.79
HO1 GOL G . -12.95 -3.93 -5.13
H2 GOL G . -13.83 -2.73 -8.20
HO2 GOL G . -13.40 0.02 -7.48
H31 GOL G . -11.95 -1.22 -9.23
H32 GOL G . -11.20 -1.36 -7.65
HO3 GOL G . -10.68 -3.02 -9.34
CL CL H . 14.20 -9.09 10.28
CL CL I . -8.40 -28.09 -2.34
NA NA J . 12.23 -10.75 10.84
NA NA K . -8.74 -26.50 -0.42
#